data_8YX5
#
_entry.id   8YX5
#
_cell.length_a   46.870
_cell.length_b   144.970
_cell.length_c   60.100
_cell.angle_alpha   90.00
_cell.angle_beta   99.24
_cell.angle_gamma   90.00
#
_symmetry.space_group_name_H-M   'P 1 21 1'
#
loop_
_entity.id
_entity.type
_entity.pdbx_description
1 polymer 'Papain-like protease nsp3'
2 non-polymer 5-[(1~{R},5~{S})-3,6-diazabicyclo[3.1.1]heptan-3-yl]-2-methyl-~{N}-[1-(1-methyl-2-oxidanylidene-benzo[cd]indol-6-yl)cyclopropyl]benzamide
3 non-polymer 'ZINC ION'
4 non-polymer GLYCEROL
5 water water
#
_entity_poly.entity_id   1
_entity_poly.type   'polypeptide(L)'
_entity_poly.pdbx_seq_one_letter_code
;GEVRTIKVFTTVDNINLHTQVVDMSMTYGQQFGPTYLDGADVTKIKPHNSHEGKTFYVLPNDDTLRVEAFEYYHTTDPSF
LGRYMSALNHTKKWKYPQVNGLTSIKWADNNSYLATALLTLQQIELKFNPPALQDAYYRARAGEAANFCALILAYCNKTV
GELGDVRETMSYLFQHANLDSCKRVLNVVCKTCGQQQTTLKGVEAVMYMGTLSYEQFKKGVQIPCTCGKQATKYLVQQES
PFVMMSAPPAQYELKHGTFTCASEYTGNYQCGHYKHITSKETLYCIDGALLTKSSEYKGPITDVFYKENSYTTTIK
;
_entity_poly.pdbx_strand_id   A,B
#
# COMPACT_ATOMS: atom_id res chain seq x y z
N GLY A 1 -25.79 57.11 -10.49
CA GLY A 1 -24.68 57.34 -9.59
C GLY A 1 -23.34 56.84 -10.13
N GLU A 2 -22.33 56.90 -9.28
CA GLU A 2 -20.99 56.53 -9.72
C GLU A 2 -20.93 55.09 -10.22
N VAL A 3 -20.14 54.85 -11.25
CA VAL A 3 -19.91 53.50 -11.78
C VAL A 3 -18.49 53.11 -11.42
N ARG A 4 -18.35 52.23 -10.47
CA ARG A 4 -17.04 51.76 -10.06
C ARG A 4 -16.81 50.35 -10.59
N THR A 5 -15.55 49.97 -10.80
CA THR A 5 -15.23 48.65 -11.34
C THR A 5 -14.10 48.03 -10.52
N ILE A 6 -14.07 46.70 -10.53
CA ILE A 6 -12.96 45.91 -10.02
C ILE A 6 -12.62 44.85 -11.06
N LYS A 7 -11.39 44.33 -10.96
CA LYS A 7 -10.95 43.22 -11.80
C LYS A 7 -11.12 41.91 -11.02
N VAL A 8 -11.72 40.90 -11.65
CA VAL A 8 -11.83 39.57 -11.08
C VAL A 8 -11.48 38.57 -12.19
N PHE A 9 -11.40 37.28 -11.82
CA PHE A 9 -11.20 36.21 -12.79
C PHE A 9 -12.43 35.31 -12.80
N THR A 10 -12.84 34.88 -13.99
CA THR A 10 -13.85 33.84 -14.09
C THR A 10 -13.21 32.57 -14.61
N THR A 11 -13.86 31.45 -14.31
CA THR A 11 -13.33 30.15 -14.66
C THR A 11 -14.46 29.14 -14.61
N VAL A 12 -14.28 28.04 -15.33
CA VAL A 12 -15.08 26.84 -15.13
C VAL A 12 -14.26 25.70 -14.52
N ASP A 13 -12.93 25.77 -14.57
CA ASP A 13 -12.08 24.66 -14.10
C ASP A 13 -11.05 25.04 -13.05
N ASN A 14 -10.90 26.32 -12.72
CA ASN A 14 -9.87 26.84 -11.83
C ASN A 14 -8.45 26.54 -12.34
N ILE A 15 -8.33 26.24 -13.62
CA ILE A 15 -7.05 26.11 -14.30
C ILE A 15 -6.83 27.23 -15.31
N ASN A 16 -7.83 27.49 -16.13
CA ASN A 16 -7.83 28.58 -17.09
C ASN A 16 -8.64 29.73 -16.51
N LEU A 17 -7.97 30.84 -16.24
CA LEU A 17 -8.60 32.00 -15.61
C LEU A 17 -8.81 33.10 -16.64
N HIS A 18 -9.96 33.75 -16.61
CA HIS A 18 -10.32 34.73 -17.62
C HIS A 18 -10.59 36.06 -16.93
N THR A 19 -9.71 37.04 -17.19
CA THR A 19 -9.82 38.33 -16.52
C THR A 19 -11.10 39.01 -16.97
N GLN A 20 -11.86 39.52 -16.01
CA GLN A 20 -13.07 40.28 -16.26
C GLN A 20 -12.99 41.61 -15.54
N VAL A 21 -13.58 42.64 -16.14
CA VAL A 21 -13.78 43.91 -15.46
C VAL A 21 -15.25 43.95 -15.09
N VAL A 22 -15.56 44.10 -13.80
CA VAL A 22 -16.94 44.01 -13.34
C VAL A 22 -17.42 45.37 -12.88
N ASP A 23 -18.64 45.70 -13.26
CA ASP A 23 -19.34 46.93 -12.88
C ASP A 23 -19.97 46.72 -11.50
N MET A 24 -19.49 47.48 -10.51
CA MET A 24 -19.92 47.26 -9.14
C MET A 24 -21.36 47.69 -8.91
N SER A 25 -21.96 48.41 -9.85
CA SER A 25 -23.37 48.80 -9.75
C SER A 25 -24.33 47.72 -10.24
N MET A 26 -23.83 46.58 -10.72
CA MET A 26 -24.69 45.50 -11.18
C MET A 26 -24.34 44.22 -10.43
N THR A 27 -25.28 43.28 -10.38
CA THR A 27 -24.98 42.02 -9.72
C THR A 27 -24.10 41.14 -10.63
N TYR A 28 -23.42 40.16 -10.03
CA TYR A 28 -22.64 39.21 -10.82
C TYR A 28 -23.55 38.51 -11.84
N GLY A 29 -24.75 38.11 -11.42
CA GLY A 29 -25.65 37.44 -12.35
C GLY A 29 -26.02 38.28 -13.57
N GLN A 30 -26.16 39.61 -13.39
CA GLN A 30 -26.44 40.49 -14.52
C GLN A 30 -25.29 40.58 -15.50
N GLN A 31 -24.10 40.23 -15.06
CA GLN A 31 -22.91 40.36 -15.89
C GLN A 31 -22.40 39.03 -16.38
N PHE A 32 -22.55 37.96 -15.58
CA PHE A 32 -21.96 36.66 -15.90
C PHE A 32 -22.98 35.54 -16.02
N GLY A 33 -24.19 35.72 -15.53
CA GLY A 33 -25.06 34.60 -15.24
C GLY A 33 -24.75 34.02 -13.87
N PRO A 34 -25.20 32.80 -13.61
CA PRO A 34 -24.94 32.17 -12.31
C PRO A 34 -23.45 32.18 -12.01
N THR A 35 -23.10 32.63 -10.80
CA THR A 35 -21.72 32.91 -10.43
C THR A 35 -21.51 32.44 -9.00
N TYR A 36 -20.34 31.85 -8.73
CA TYR A 36 -20.03 31.24 -7.45
C TYR A 36 -18.66 31.66 -6.96
N LEU A 37 -18.56 31.87 -5.65
CA LEU A 37 -17.29 32.19 -4.99
C LEU A 37 -17.01 31.12 -3.93
N ASP A 38 -15.99 30.31 -4.18
CA ASP A 38 -15.65 29.19 -3.32
C ASP A 38 -16.91 28.40 -2.93
N GLY A 39 -17.78 28.17 -3.90
CA GLY A 39 -18.99 27.38 -3.72
C GLY A 39 -20.23 28.20 -3.41
N ALA A 40 -20.08 29.37 -2.82
CA ALA A 40 -21.24 30.18 -2.48
C ALA A 40 -21.82 30.84 -3.72
N ASP A 41 -23.16 30.84 -3.81
CA ASP A 41 -23.87 31.42 -4.93
C ASP A 41 -23.93 32.94 -4.75
N VAL A 42 -23.22 33.69 -5.59
CA VAL A 42 -23.17 35.15 -5.52
C VAL A 42 -23.89 35.80 -6.71
N THR A 43 -24.78 35.06 -7.37
CA THR A 43 -25.45 35.59 -8.56
C THR A 43 -26.27 36.84 -8.25
N LYS A 44 -26.81 36.93 -7.04
CA LYS A 44 -27.76 37.97 -6.68
C LYS A 44 -27.07 39.09 -5.93
N ILE A 45 -25.75 38.97 -5.80
CA ILE A 45 -24.93 39.89 -5.03
C ILE A 45 -24.17 40.84 -5.94
N LYS A 46 -23.91 42.09 -5.43
CA LYS A 46 -23.09 43.07 -6.12
C LYS A 46 -21.64 42.90 -5.72
N PRO A 47 -20.71 43.23 -6.59
CA PRO A 47 -19.29 43.13 -6.23
C PRO A 47 -18.98 43.90 -4.96
N HIS A 48 -18.10 43.34 -4.13
CA HIS A 48 -17.58 43.99 -2.94
C HIS A 48 -16.13 44.35 -3.21
N ASN A 49 -15.62 45.38 -2.52
CA ASN A 49 -14.23 45.76 -2.73
C ASN A 49 -13.31 44.57 -2.51
N SER A 50 -13.63 43.71 -1.55
CA SER A 50 -12.76 42.59 -1.19
C SER A 50 -12.72 41.51 -2.27
N HIS A 51 -13.57 41.57 -3.28
CA HIS A 51 -13.56 40.58 -4.35
C HIS A 51 -12.50 40.85 -5.39
N GLU A 52 -11.80 41.98 -5.30
CA GLU A 52 -10.83 42.32 -6.33
C GLU A 52 -9.76 41.23 -6.39
N GLY A 53 -9.52 40.72 -7.59
CA GLY A 53 -8.48 39.73 -7.78
C GLY A 53 -8.89 38.30 -7.49
N LYS A 54 -10.12 38.07 -7.01
CA LYS A 54 -10.55 36.73 -6.66
C LYS A 54 -11.08 35.98 -7.88
N THR A 55 -11.18 34.67 -7.73
CA THR A 55 -11.58 33.80 -8.82
C THR A 55 -13.00 33.34 -8.57
N PHE A 56 -13.84 33.46 -9.60
CA PHE A 56 -15.23 33.08 -9.52
C PHE A 56 -15.54 32.00 -10.54
N TYR A 57 -16.33 30.98 -10.14
CA TYR A 57 -16.85 30.03 -11.11
C TYR A 57 -18.11 30.56 -11.80
N VAL A 58 -18.21 30.31 -13.10
CA VAL A 58 -19.36 30.70 -13.90
C VAL A 58 -19.80 29.46 -14.67
N LEU A 59 -21.03 29.48 -15.13
CA LEU A 59 -21.50 28.41 -16.00
C LEU A 59 -20.93 28.56 -17.41
N PRO A 60 -20.61 27.45 -18.08
CA PRO A 60 -20.11 27.57 -19.46
C PRO A 60 -21.19 28.12 -20.38
N ASN A 61 -21.03 29.38 -20.79
CA ASN A 61 -22.03 30.10 -21.58
C ASN A 61 -21.50 30.46 -22.96
N ASP A 62 -20.27 30.06 -23.29
CA ASP A 62 -19.69 30.24 -24.63
C ASP A 62 -18.89 28.99 -24.98
N ASP A 63 -18.48 28.88 -26.24
CA ASP A 63 -17.87 27.64 -26.70
C ASP A 63 -16.52 27.38 -26.05
N THR A 64 -15.75 28.43 -25.79
CA THR A 64 -14.49 28.26 -25.09
C THR A 64 -14.71 27.65 -23.70
N LEU A 65 -15.66 28.19 -22.95
CA LEU A 65 -15.93 27.66 -21.62
C LEU A 65 -16.49 26.24 -21.70
N ARG A 66 -17.29 25.97 -22.72
CA ARG A 66 -17.88 24.65 -22.89
C ARG A 66 -16.78 23.60 -23.10
N VAL A 67 -15.84 23.92 -23.93
CA VAL A 67 -14.73 23.01 -24.16
C VAL A 67 -13.89 22.86 -22.91
N GLU A 68 -13.61 23.98 -22.22
CA GLU A 68 -12.80 23.88 -21.00
C GLU A 68 -13.49 22.99 -19.96
N ALA A 69 -14.80 23.17 -19.77
CA ALA A 69 -15.53 22.39 -18.78
C ALA A 69 -15.51 20.90 -19.15
N PHE A 70 -15.81 20.59 -20.40
CA PHE A 70 -15.84 19.18 -20.79
C PHE A 70 -14.48 18.53 -20.63
N GLU A 71 -13.41 19.22 -21.05
CA GLU A 71 -12.07 18.65 -20.95
C GLU A 71 -11.68 18.42 -19.51
N TYR A 72 -12.18 19.24 -18.58
CA TYR A 72 -11.77 19.11 -17.19
C TYR A 72 -12.61 18.07 -16.43
N TYR A 73 -13.93 18.06 -16.64
CA TYR A 73 -14.84 17.20 -15.86
C TYR A 73 -15.31 15.95 -16.60
N HIS A 74 -15.16 15.90 -17.92
CA HIS A 74 -15.67 14.79 -18.72
C HIS A 74 -17.17 14.59 -18.57
N THR A 75 -17.92 15.69 -18.52
CA THR A 75 -19.37 15.63 -18.51
C THR A 75 -19.93 16.78 -19.32
N THR A 76 -21.09 16.55 -19.94
CA THR A 76 -21.85 17.58 -20.63
C THR A 76 -23.14 17.93 -19.92
N ASP A 77 -23.43 17.30 -18.78
CA ASP A 77 -24.58 17.62 -17.97
C ASP A 77 -24.55 19.09 -17.59
N PRO A 78 -25.48 19.92 -18.09
CA PRO A 78 -25.40 21.37 -17.81
C PRO A 78 -25.59 21.71 -16.34
N SER A 79 -26.17 20.81 -15.55
CA SER A 79 -26.39 21.06 -14.13
C SER A 79 -25.19 20.69 -13.27
N PHE A 80 -24.14 20.11 -13.86
CA PHE A 80 -23.02 19.59 -13.07
C PHE A 80 -22.34 20.68 -12.25
N LEU A 81 -21.91 21.76 -12.90
CA LEU A 81 -21.14 22.76 -12.15
C LEU A 81 -21.94 23.34 -10.98
N GLY A 82 -23.22 23.64 -11.18
CA GLY A 82 -24.00 24.17 -10.08
C GLY A 82 -24.13 23.19 -8.92
N ARG A 83 -24.30 21.91 -9.23
CA ARG A 83 -24.37 20.89 -8.18
C ARG A 83 -23.03 20.74 -7.47
N TYR A 84 -21.92 20.80 -8.23
CA TYR A 84 -20.59 20.73 -7.62
C TYR A 84 -20.37 21.93 -6.70
N MET A 85 -20.73 23.13 -7.14
CA MET A 85 -20.55 24.29 -6.27
C MET A 85 -21.44 24.20 -5.03
N SER A 86 -22.71 23.80 -5.19
CA SER A 86 -23.60 23.68 -4.02
C SER A 86 -23.06 22.69 -2.99
N ALA A 87 -22.54 21.54 -3.45
CA ALA A 87 -21.92 20.58 -2.54
C ALA A 87 -20.66 21.17 -1.87
N LEU A 88 -19.80 21.84 -2.66
CA LEU A 88 -18.55 22.39 -2.10
C LEU A 88 -18.84 23.37 -0.98
N ASN A 89 -19.90 24.16 -1.13
CA ASN A 89 -20.28 25.11 -0.10
C ASN A 89 -20.48 24.42 1.25
N HIS A 90 -20.88 23.15 1.25
CA HIS A 90 -20.96 22.36 2.47
C HIS A 90 -19.66 21.61 2.78
N THR A 91 -19.08 20.91 1.78
CA THR A 91 -17.94 20.06 2.14
C THR A 91 -16.72 20.89 2.59
N LYS A 92 -16.62 22.16 2.17
CA LYS A 92 -15.53 22.99 2.66
C LYS A 92 -15.62 23.22 4.17
N LYS A 93 -16.78 23.02 4.76
CA LYS A 93 -16.98 23.17 6.20
C LYS A 93 -16.84 21.86 6.97
N TRP A 94 -16.80 20.70 6.29
CA TRP A 94 -16.48 19.46 6.96
C TRP A 94 -15.05 19.47 7.49
N LYS A 95 -14.78 18.59 8.44
CA LYS A 95 -13.42 18.36 8.94
C LYS A 95 -12.91 17.03 8.41
N TYR A 96 -11.60 17.00 8.15
CA TYR A 96 -10.95 15.85 7.53
C TYR A 96 -9.78 15.36 8.38
N PRO A 97 -10.07 14.65 9.47
CA PRO A 97 -8.97 14.19 10.31
C PRO A 97 -8.15 13.14 9.60
N GLN A 98 -6.85 13.13 9.89
CA GLN A 98 -5.94 12.07 9.47
C GLN A 98 -5.98 10.91 10.45
N VAL A 99 -6.08 9.70 9.92
CA VAL A 99 -6.04 8.47 10.71
C VAL A 99 -4.92 7.61 10.12
N ASN A 100 -3.79 7.54 10.83
CA ASN A 100 -2.65 6.76 10.35
C ASN A 100 -2.27 7.18 8.93
N GLY A 101 -2.33 8.47 8.66
CA GLY A 101 -1.98 8.90 7.32
C GLY A 101 -3.05 8.66 6.29
N LEU A 102 -4.27 8.29 6.70
CA LEU A 102 -5.40 8.19 5.78
C LEU A 102 -6.30 9.37 6.10
N THR A 103 -6.78 10.05 5.09
CA THR A 103 -7.75 11.13 5.30
C THR A 103 -9.14 10.54 5.49
N SER A 104 -9.76 10.88 6.61
CA SER A 104 -11.15 10.49 6.86
C SER A 104 -12.02 11.75 6.81
N ILE A 105 -13.28 11.62 7.24
CA ILE A 105 -14.18 12.75 7.34
C ILE A 105 -14.94 12.65 8.66
N LYS A 106 -14.92 13.72 9.45
CA LYS A 106 -15.80 13.75 10.63
C LYS A 106 -17.27 13.73 10.23
N TRP A 107 -18.06 12.99 11.02
CA TRP A 107 -19.46 12.74 10.64
C TRP A 107 -20.22 14.05 10.51
N ALA A 108 -20.91 14.18 9.39
CA ALA A 108 -21.84 15.28 9.14
C ALA A 108 -22.73 14.89 7.99
N ASP A 109 -24.01 15.31 8.02
CA ASP A 109 -24.81 15.26 6.80
C ASP A 109 -24.88 13.85 6.18
N ASN A 110 -25.00 12.82 7.02
CA ASN A 110 -25.07 11.41 6.60
C ASN A 110 -23.93 11.03 5.65
N ASN A 111 -22.75 11.51 5.94
CA ASN A 111 -21.61 11.32 5.05
C ASN A 111 -20.76 10.10 5.38
N SER A 112 -21.27 9.14 6.15
CA SER A 112 -20.46 7.98 6.49
C SER A 112 -20.07 7.21 5.24
N TYR A 113 -20.94 7.16 4.22
CA TYR A 113 -20.62 6.42 3.00
C TYR A 113 -19.45 7.05 2.28
N LEU A 114 -19.35 8.38 2.33
CA LEU A 114 -18.28 9.10 1.67
C LEU A 114 -16.97 8.94 2.40
N ALA A 115 -16.98 9.00 3.74
CA ALA A 115 -15.76 8.71 4.50
C ALA A 115 -15.26 7.30 4.20
N THR A 116 -16.17 6.31 4.21
CA THR A 116 -15.77 4.94 3.91
C THR A 116 -15.23 4.81 2.48
N ALA A 117 -15.88 5.46 1.50
CA ALA A 117 -15.36 5.43 0.12
C ALA A 117 -14.00 6.12 0.00
N LEU A 118 -13.87 7.30 0.65
CA LEU A 118 -12.59 8.04 0.59
C LEU A 118 -11.46 7.21 1.18
N LEU A 119 -11.68 6.60 2.37
CA LEU A 119 -10.66 5.73 2.96
C LEU A 119 -10.29 4.57 2.04
N THR A 120 -11.28 3.96 1.39
CA THR A 120 -11.04 2.87 0.48
C THR A 120 -10.21 3.34 -0.72
N LEU A 121 -10.57 4.49 -1.27
CA LEU A 121 -9.85 4.98 -2.43
C LEU A 121 -8.38 5.24 -2.13
N GLN A 122 -8.03 5.50 -0.87
CA GLN A 122 -6.62 5.71 -0.53
C GLN A 122 -5.86 4.41 -0.36
N GLN A 123 -6.53 3.28 -0.45
CA GLN A 123 -5.92 1.97 -0.24
C GLN A 123 -5.89 1.09 -1.48
N ILE A 124 -6.54 1.50 -2.55
CA ILE A 124 -6.48 0.74 -3.79
C ILE A 124 -5.89 1.62 -4.89
N GLU A 125 -5.35 0.96 -5.92
CA GLU A 125 -4.69 1.63 -7.04
C GLU A 125 -5.69 1.98 -8.13
N LEU A 126 -5.90 3.27 -8.34
CA LEU A 126 -6.88 3.79 -9.27
C LEU A 126 -6.34 5.05 -9.93
N LYS A 127 -6.53 5.16 -11.23
CA LYS A 127 -6.16 6.36 -11.99
C LYS A 127 -7.43 6.92 -12.63
N PHE A 128 -7.80 8.14 -12.24
CA PHE A 128 -8.96 8.78 -12.83
C PHE A 128 -8.65 9.40 -14.20
N ASN A 129 -9.64 9.36 -15.06
CA ASN A 129 -9.51 10.01 -16.36
C ASN A 129 -9.82 11.50 -16.33
N PRO A 130 -10.91 11.96 -15.72
CA PRO A 130 -11.15 13.43 -15.70
C PRO A 130 -10.09 14.16 -14.89
N PRO A 131 -9.43 15.14 -15.50
CA PRO A 131 -8.46 15.94 -14.72
C PRO A 131 -9.03 16.47 -13.41
N ALA A 132 -10.31 16.82 -13.36
CA ALA A 132 -10.90 17.31 -12.11
C ALA A 132 -10.75 16.30 -10.99
N LEU A 133 -11.00 15.02 -11.28
CA LEU A 133 -10.87 13.98 -10.26
C LEU A 133 -9.40 13.68 -9.97
N GLN A 134 -8.55 13.65 -11.01
CA GLN A 134 -7.13 13.47 -10.76
C GLN A 134 -6.62 14.51 -9.76
N ASP A 135 -6.88 15.80 -10.06
CA ASP A 135 -6.35 16.89 -9.23
C ASP A 135 -6.91 16.83 -7.82
N ALA A 136 -8.24 16.65 -7.69
CA ALA A 136 -8.87 16.67 -6.37
C ALA A 136 -8.49 15.44 -5.54
N TYR A 137 -8.26 14.29 -6.19
CA TYR A 137 -7.86 13.06 -5.49
C TYR A 137 -6.47 13.21 -4.90
N TYR A 138 -5.55 13.78 -5.67
CA TYR A 138 -4.21 14.05 -5.15
C TYR A 138 -4.27 14.96 -3.93
N ARG A 139 -5.08 16.02 -3.99
CA ARG A 139 -5.20 16.88 -2.83
C ARG A 139 -5.83 16.11 -1.67
N ALA A 140 -6.83 15.29 -1.96
CA ALA A 140 -7.54 14.58 -0.91
C ALA A 140 -6.62 13.61 -0.18
N ARG A 141 -5.73 12.96 -0.91
CA ARG A 141 -4.79 12.01 -0.32
C ARG A 141 -3.87 12.70 0.70
N ALA A 142 -3.58 13.96 0.45
CA ALA A 142 -2.71 14.76 1.30
C ALA A 142 -3.46 15.43 2.42
N GLY A 143 -4.79 15.28 2.51
CA GLY A 143 -5.57 15.80 3.62
C GLY A 143 -6.58 16.87 3.24
N GLU A 144 -6.55 17.40 2.02
CA GLU A 144 -7.43 18.50 1.61
C GLU A 144 -8.50 17.92 0.67
N ALA A 145 -9.55 17.36 1.26
CA ALA A 145 -10.48 16.51 0.54
C ALA A 145 -11.82 17.16 0.21
N ALA A 146 -12.02 18.44 0.54
CA ALA A 146 -13.33 19.04 0.35
C ALA A 146 -13.74 19.04 -1.12
N ASN A 147 -12.82 19.38 -2.02
CA ASN A 147 -13.18 19.42 -3.44
C ASN A 147 -13.45 18.02 -3.99
N PHE A 148 -12.63 17.04 -3.59
CA PHE A 148 -12.88 15.67 -4.01
C PHE A 148 -14.27 15.20 -3.56
N CYS A 149 -14.62 15.46 -2.31
CA CYS A 149 -15.94 15.05 -1.81
C CYS A 149 -17.07 15.75 -2.56
N ALA A 150 -16.92 17.03 -2.86
CA ALA A 150 -17.96 17.74 -3.60
C ALA A 150 -18.09 17.20 -5.02
N LEU A 151 -16.96 16.85 -5.66
CA LEU A 151 -17.02 16.27 -6.99
C LEU A 151 -17.70 14.91 -6.97
N ILE A 152 -17.40 14.10 -5.96
CA ILE A 152 -18.05 12.80 -5.86
C ILE A 152 -19.56 12.96 -5.76
N LEU A 153 -20.01 13.87 -4.88
CA LEU A 153 -21.43 14.17 -4.75
C LEU A 153 -22.03 14.61 -6.09
N ALA A 154 -21.32 15.49 -6.82
CA ALA A 154 -21.85 15.97 -8.10
C ALA A 154 -21.86 14.87 -9.16
N TYR A 155 -20.77 14.12 -9.30
CA TYR A 155 -20.74 13.03 -10.28
C TYR A 155 -21.83 11.99 -10.00
N CYS A 156 -22.04 11.66 -8.73
CA CYS A 156 -23.03 10.65 -8.34
C CYS A 156 -24.44 11.18 -8.17
N ASN A 157 -24.65 12.46 -8.42
CA ASN A 157 -25.97 13.08 -8.29
C ASN A 157 -26.57 12.83 -6.91
N LYS A 158 -25.76 13.07 -5.88
CA LYS A 158 -26.20 12.96 -4.50
C LYS A 158 -26.20 14.36 -3.89
N THR A 159 -27.22 14.65 -3.09
CA THR A 159 -27.25 15.92 -2.38
C THR A 159 -26.63 15.75 -1.01
N VAL A 160 -26.07 16.85 -0.50
CA VAL A 160 -25.52 16.84 0.85
C VAL A 160 -26.66 16.52 1.80
N GLY A 161 -26.42 15.57 2.69
CA GLY A 161 -27.41 15.13 3.66
C GLY A 161 -28.08 13.82 3.30
N GLU A 162 -27.94 13.39 2.06
CA GLU A 162 -28.52 12.14 1.60
C GLU A 162 -27.54 10.99 1.80
N LEU A 163 -27.98 9.93 2.46
CA LEU A 163 -27.12 8.76 2.60
C LEU A 163 -27.02 8.01 1.26
N GLY A 164 -25.80 7.75 0.81
CA GLY A 164 -25.57 6.99 -0.40
C GLY A 164 -24.96 5.61 -0.08
N ASP A 165 -24.86 4.80 -1.13
CA ASP A 165 -24.40 3.42 -1.07
C ASP A 165 -22.94 3.37 -1.53
N VAL A 166 -22.08 2.76 -0.71
CA VAL A 166 -20.63 2.76 -1.02
C VAL A 166 -20.35 2.02 -2.32
N ARG A 167 -20.93 0.83 -2.48
CA ARG A 167 -20.76 0.08 -3.72
C ARG A 167 -21.20 0.88 -4.94
N GLU A 168 -22.36 1.54 -4.85
CA GLU A 168 -22.85 2.36 -5.97
C GLU A 168 -21.92 3.53 -6.24
N THR A 169 -21.39 4.13 -5.19
CA THR A 169 -20.50 5.28 -5.34
C THR A 169 -19.19 4.85 -6.00
N MET A 170 -18.61 3.76 -5.50
CA MET A 170 -17.35 3.27 -6.07
C MET A 170 -17.55 2.89 -7.53
N SER A 171 -18.67 2.24 -7.82
CA SER A 171 -18.97 1.80 -9.18
C SER A 171 -19.00 2.97 -10.14
N TYR A 172 -19.67 4.06 -9.76
CA TYR A 172 -19.74 5.19 -10.66
C TYR A 172 -18.36 5.83 -10.84
N LEU A 173 -17.58 5.98 -9.76
CA LEU A 173 -16.23 6.50 -9.88
C LEU A 173 -15.38 5.59 -10.76
N PHE A 174 -15.58 4.29 -10.66
CA PHE A 174 -14.81 3.36 -11.49
C PHE A 174 -15.08 3.60 -12.97
N GLN A 175 -16.27 4.07 -13.30
CA GLN A 175 -16.61 4.40 -14.68
C GLN A 175 -15.80 5.57 -15.18
N HIS A 176 -15.22 6.37 -14.29
CA HIS A 176 -14.34 7.47 -14.64
C HIS A 176 -12.87 7.14 -14.41
N ALA A 177 -12.53 5.86 -14.24
CA ALA A 177 -11.15 5.47 -14.02
C ALA A 177 -10.65 4.66 -15.21
N ASN A 178 -9.33 4.61 -15.34
CA ASN A 178 -8.69 3.84 -16.40
C ASN A 178 -8.52 2.40 -15.91
N LEU A 179 -9.51 1.56 -16.20
CA LEU A 179 -9.50 0.14 -15.85
C LEU A 179 -9.41 -0.73 -17.10
N ASP A 180 -8.92 -0.17 -18.21
CA ASP A 180 -9.04 -0.84 -19.50
C ASP A 180 -8.30 -2.18 -19.53
N SER A 181 -7.18 -2.29 -18.84
CA SER A 181 -6.39 -3.51 -18.75
C SER A 181 -6.91 -4.55 -17.75
N CYS A 182 -7.92 -4.23 -16.94
CA CYS A 182 -8.45 -5.23 -16.01
C CYS A 182 -9.18 -6.31 -16.74
N LYS A 183 -9.01 -7.56 -16.35
CA LYS A 183 -9.59 -8.69 -17.07
C LYS A 183 -9.99 -9.73 -16.05
N ARG A 184 -11.14 -10.35 -16.26
CA ARG A 184 -11.63 -11.43 -15.44
C ARG A 184 -12.14 -12.53 -16.36
N VAL A 185 -11.70 -13.76 -16.10
CA VAL A 185 -12.21 -14.93 -16.83
C VAL A 185 -12.95 -15.82 -15.85
N LEU A 186 -14.18 -16.16 -16.18
CA LEU A 186 -15.03 -17.01 -15.36
C LEU A 186 -15.39 -18.28 -16.11
N ASN A 187 -15.57 -19.38 -15.36
CA ASN A 187 -16.08 -20.63 -15.93
C ASN A 187 -17.34 -20.98 -15.14
N VAL A 188 -18.39 -21.36 -15.84
CA VAL A 188 -19.64 -21.78 -15.21
C VAL A 188 -19.90 -23.22 -15.64
N VAL A 189 -20.02 -24.14 -14.68
CA VAL A 189 -20.13 -25.52 -15.01
C VAL A 189 -21.42 -26.19 -14.49
N GLY A 194 -23.74 -27.85 -19.22
CA GLY A 194 -22.43 -27.71 -19.84
C GLY A 194 -21.38 -26.95 -19.04
N GLN A 195 -20.33 -26.55 -19.75
CA GLN A 195 -19.19 -25.82 -19.18
C GLN A 195 -18.98 -24.59 -20.07
N GLN A 196 -19.09 -23.37 -19.54
CA GLN A 196 -19.02 -22.19 -20.36
C GLN A 196 -18.12 -21.09 -19.80
N GLN A 197 -17.23 -20.52 -20.61
CA GLN A 197 -16.34 -19.49 -20.16
C GLN A 197 -16.70 -18.11 -20.72
N THR A 198 -16.54 -17.07 -19.93
CA THR A 198 -16.80 -15.70 -20.31
C THR A 198 -15.65 -14.83 -19.83
N THR A 199 -15.29 -13.82 -20.60
CA THR A 199 -14.26 -12.86 -20.20
C THR A 199 -14.89 -11.49 -20.03
N LEU A 200 -14.62 -10.82 -18.89
CA LEU A 200 -15.11 -9.50 -18.60
C LEU A 200 -13.95 -8.53 -18.55
N LYS A 201 -14.17 -7.30 -18.91
CA LYS A 201 -13.10 -6.32 -18.90
C LYS A 201 -13.57 -5.03 -18.24
N GLY A 202 -12.64 -4.21 -17.85
CA GLY A 202 -12.98 -2.94 -17.30
C GLY A 202 -13.64 -2.99 -15.95
N VAL A 203 -14.63 -2.16 -15.69
CA VAL A 203 -15.23 -2.11 -14.35
C VAL A 203 -15.88 -3.44 -13.99
N GLU A 204 -16.50 -4.10 -14.96
CA GLU A 204 -17.12 -5.39 -14.70
C GLU A 204 -16.10 -6.44 -14.28
N ALA A 205 -14.83 -6.23 -14.59
CA ALA A 205 -13.82 -7.20 -14.20
C ALA A 205 -13.40 -7.07 -12.74
N VAL A 206 -13.73 -5.97 -12.06
CA VAL A 206 -13.27 -5.76 -10.68
C VAL A 206 -14.37 -5.78 -9.65
N MET A 207 -15.61 -5.95 -10.04
CA MET A 207 -16.74 -5.92 -9.11
C MET A 207 -17.49 -7.23 -9.18
N TYR A 208 -17.99 -7.65 -8.03
CA TYR A 208 -18.88 -8.80 -7.95
C TYR A 208 -19.90 -8.57 -6.85
N MET A 209 -21.14 -9.00 -7.10
CA MET A 209 -22.23 -8.87 -6.15
C MET A 209 -22.82 -10.24 -5.88
N GLY A 210 -22.73 -10.69 -4.64
CA GLY A 210 -23.23 -12.02 -4.28
C GLY A 210 -22.44 -12.77 -3.23
N THR A 211 -21.14 -12.50 -3.11
CA THR A 211 -20.31 -13.04 -2.03
C THR A 211 -19.25 -12.02 -1.65
N LEU A 212 -18.91 -12.00 -0.37
CA LEU A 212 -17.86 -11.16 0.16
C LEU A 212 -16.49 -11.81 0.06
N SER A 213 -16.44 -13.13 -0.07
CA SER A 213 -15.22 -13.91 0.02
C SER A 213 -14.58 -14.12 -1.36
N TYR A 214 -13.39 -13.57 -1.53
CA TYR A 214 -12.59 -13.79 -2.75
C TYR A 214 -12.19 -15.26 -2.85
N GLU A 215 -11.83 -15.86 -1.71
CA GLU A 215 -11.50 -17.29 -1.73
C GLU A 215 -12.71 -18.14 -2.17
N GLN A 216 -13.93 -17.77 -1.75
CA GLN A 216 -15.10 -18.55 -2.17
C GLN A 216 -15.34 -18.41 -3.67
N PHE A 217 -15.11 -17.22 -4.21
CA PHE A 217 -15.23 -16.96 -5.65
C PHE A 217 -14.25 -17.83 -6.42
N LYS A 218 -13.06 -18.02 -5.85
CA LYS A 218 -12.05 -18.86 -6.48
C LYS A 218 -12.43 -20.34 -6.41
N LYS A 219 -13.07 -20.74 -5.30
CA LYS A 219 -13.45 -22.13 -5.15
C LYS A 219 -14.72 -22.47 -5.92
N GLY A 220 -15.62 -21.50 -6.09
CA GLY A 220 -16.89 -21.74 -6.74
C GLY A 220 -18.07 -21.29 -5.92
N VAL A 221 -18.96 -20.55 -6.55
CA VAL A 221 -20.24 -20.14 -5.96
C VAL A 221 -21.36 -20.74 -6.77
N GLN A 222 -22.46 -21.09 -6.10
CA GLN A 222 -23.60 -21.65 -6.77
C GLN A 222 -24.53 -20.58 -7.25
N ILE A 223 -24.96 -20.66 -8.47
CA ILE A 223 -25.84 -19.69 -9.03
C ILE A 223 -26.92 -20.44 -9.82
N PRO A 224 -28.04 -19.79 -10.06
CA PRO A 224 -29.09 -20.47 -10.82
C PRO A 224 -28.81 -20.54 -12.30
N LYS A 229 -32.21 -25.71 -12.03
CA LYS A 229 -30.93 -26.40 -11.81
C LYS A 229 -29.91 -25.40 -11.31
N GLN A 230 -28.89 -25.86 -10.61
CA GLN A 230 -27.87 -24.95 -10.08
C GLN A 230 -26.48 -25.24 -10.65
N ALA A 231 -25.75 -24.19 -10.98
CA ALA A 231 -24.43 -24.40 -11.50
C ALA A 231 -23.40 -23.74 -10.63
N THR A 232 -22.14 -24.05 -10.87
CA THR A 232 -21.04 -23.51 -10.10
C THR A 232 -20.22 -22.52 -10.98
N LYS A 233 -20.09 -21.28 -10.56
CA LYS A 233 -19.29 -20.26 -11.24
C LYS A 233 -18.01 -20.09 -10.45
N TYR A 234 -16.86 -20.12 -11.13
CA TYR A 234 -15.64 -19.85 -10.42
C TYR A 234 -14.68 -19.02 -11.26
N LEU A 235 -13.75 -18.39 -10.54
CA LEU A 235 -12.80 -17.47 -11.14
C LEU A 235 -11.64 -18.24 -11.75
N VAL A 236 -11.47 -18.09 -13.06
CA VAL A 236 -10.36 -18.76 -13.76
C VAL A 236 -9.10 -17.89 -13.76
N GLN A 237 -9.23 -16.60 -14.07
CA GLN A 237 -8.10 -15.69 -14.19
C GLN A 237 -8.56 -14.31 -13.76
N GLN A 238 -7.72 -13.60 -13.02
CA GLN A 238 -8.01 -12.23 -12.58
C GLN A 238 -6.75 -11.41 -12.80
N GLU A 239 -6.86 -10.33 -13.57
CA GLU A 239 -5.78 -9.40 -13.81
C GLU A 239 -6.29 -8.01 -13.49
N SER A 240 -6.00 -7.51 -12.30
CA SER A 240 -6.43 -6.19 -11.88
C SER A 240 -5.64 -5.84 -10.62
N PRO A 241 -5.61 -4.56 -10.26
CA PRO A 241 -4.89 -4.19 -9.03
C PRO A 241 -5.70 -4.40 -7.76
N PHE A 242 -7.00 -4.66 -7.88
CA PHE A 242 -7.88 -4.93 -6.74
C PHE A 242 -9.11 -5.64 -7.27
N VAL A 243 -9.88 -6.23 -6.33
CA VAL A 243 -11.23 -6.68 -6.59
C VAL A 243 -12.12 -6.21 -5.45
N MET A 244 -13.36 -5.91 -5.78
CA MET A 244 -14.37 -5.48 -4.82
C MET A 244 -15.45 -6.55 -4.79
N MET A 245 -15.58 -7.20 -3.66
CA MET A 245 -16.58 -8.24 -3.46
C MET A 245 -17.65 -7.71 -2.53
N SER A 246 -18.90 -7.76 -3.00
CA SER A 246 -20.01 -7.22 -2.27
C SER A 246 -21.15 -8.21 -2.10
N ALA A 247 -21.99 -7.94 -1.11
CA ALA A 247 -23.20 -8.72 -0.88
C ALA A 247 -24.11 -7.96 0.08
N PRO A 248 -25.42 -8.24 0.07
CA PRO A 248 -26.27 -7.60 1.08
C PRO A 248 -25.68 -7.84 2.46
N PRO A 249 -25.76 -6.85 3.35
CA PRO A 249 -25.07 -6.95 4.64
C PRO A 249 -25.36 -8.26 5.37
N ALA A 250 -24.31 -8.85 5.92
CA ALA A 250 -24.45 -10.08 6.69
C ALA A 250 -23.29 -10.19 7.67
N GLN A 251 -23.51 -10.93 8.75
CA GLN A 251 -22.47 -11.10 9.76
C GLN A 251 -21.31 -11.87 9.14
N TYR A 252 -20.11 -11.33 9.35
CA TYR A 252 -18.90 -11.76 8.64
C TYR A 252 -17.71 -11.63 9.56
N GLU A 253 -16.78 -12.60 9.46
CA GLU A 253 -15.55 -12.59 10.23
C GLU A 253 -14.40 -12.12 9.33
N LEU A 254 -13.74 -11.04 9.73
CA LEU A 254 -12.58 -10.52 9.01
C LEU A 254 -11.33 -10.90 9.78
N LYS A 255 -10.34 -11.43 9.07
CA LYS A 255 -9.09 -11.89 9.68
C LYS A 255 -7.94 -11.01 9.20
N HIS A 256 -7.09 -10.61 10.14
CA HIS A 256 -5.95 -9.75 9.87
C HIS A 256 -5.11 -10.30 8.72
N GLY A 257 -4.74 -9.44 7.79
CA GLY A 257 -3.84 -9.85 6.73
C GLY A 257 -4.47 -10.64 5.61
N THR A 258 -5.80 -10.82 5.60
CA THR A 258 -6.46 -11.59 4.55
C THR A 258 -7.32 -10.74 3.63
N PHE A 259 -7.32 -9.43 3.80
CA PHE A 259 -8.14 -8.52 2.99
C PHE A 259 -7.44 -7.18 3.11
N THR A 260 -7.83 -6.24 2.26
CA THR A 260 -7.29 -4.90 2.34
C THR A 260 -8.17 -3.99 3.21
N CYS A 261 -9.43 -3.86 2.84
CA CYS A 261 -10.36 -3.07 3.67
C CYS A 261 -11.77 -3.53 3.39
N ALA A 262 -12.71 -3.03 4.20
CA ALA A 262 -14.09 -3.50 4.10
C ALA A 262 -15.04 -2.43 4.62
N SER A 263 -16.28 -2.53 4.14
CA SER A 263 -17.38 -1.64 4.52
C SER A 263 -18.28 -2.41 5.49
N GLU A 264 -18.33 -1.95 6.72
CA GLU A 264 -19.33 -2.40 7.69
C GLU A 264 -20.59 -1.55 7.52
N TYR A 265 -21.75 -2.19 7.58
CA TYR A 265 -23.02 -1.47 7.46
C TYR A 265 -23.98 -1.99 8.51
N THR A 266 -24.49 -1.07 9.33
CA THR A 266 -25.49 -1.36 10.35
C THR A 266 -26.76 -0.58 10.04
N GLY A 267 -27.89 -1.20 10.31
CA GLY A 267 -29.16 -0.51 10.12
C GLY A 267 -29.92 -1.07 8.93
N ASN A 268 -30.99 -0.37 8.57
CA ASN A 268 -31.85 -0.78 7.49
C ASN A 268 -31.41 -0.17 6.16
N TYR A 269 -31.90 -0.77 5.09
CA TYR A 269 -31.67 -0.28 3.74
C TYR A 269 -31.92 1.19 3.61
N GLN A 270 -30.93 1.89 3.08
CA GLN A 270 -30.96 3.32 2.77
C GLN A 270 -30.99 4.22 4.00
N CYS A 271 -30.91 3.69 5.22
CA CYS A 271 -30.99 4.59 6.37
C CYS A 271 -30.11 4.18 7.54
N GLY A 272 -28.99 3.51 7.28
CA GLY A 272 -28.11 3.04 8.31
C GLY A 272 -26.79 3.81 8.41
N HIS A 273 -25.74 3.09 8.74
CA HIS A 273 -24.47 3.74 9.03
C HIS A 273 -23.34 2.86 8.56
N TYR A 274 -22.43 3.45 7.82
CA TYR A 274 -21.20 2.76 7.44
C TYR A 274 -20.06 3.04 8.40
N LYS A 275 -19.19 2.03 8.57
CA LYS A 275 -17.86 2.17 9.14
C LYS A 275 -16.89 1.45 8.20
N HIS A 276 -15.61 1.77 8.36
CA HIS A 276 -14.55 1.28 7.49
C HIS A 276 -13.60 0.41 8.31
N ILE A 277 -13.42 -0.83 7.86
CA ILE A 277 -12.48 -1.75 8.50
C ILE A 277 -11.24 -1.89 7.61
N THR A 278 -10.05 -1.73 8.21
CA THR A 278 -8.80 -1.94 7.45
C THR A 278 -7.84 -2.80 8.26
N SER A 279 -6.95 -3.47 7.55
CA SER A 279 -5.99 -4.38 8.14
C SER A 279 -4.60 -3.75 8.07
N LYS A 280 -3.97 -3.51 9.22
CA LYS A 280 -2.64 -2.93 9.33
C LYS A 280 -1.81 -3.87 10.19
N GLU A 281 -1.31 -3.44 11.36
CA GLU A 281 -0.71 -4.37 12.28
C GLU A 281 -1.75 -5.15 13.05
N THR A 282 -2.98 -4.64 13.10
CA THR A 282 -4.14 -5.30 13.65
C THR A 282 -5.35 -4.77 12.86
N LEU A 283 -6.56 -5.09 13.29
CA LEU A 283 -7.73 -4.58 12.59
C LEU A 283 -8.11 -3.20 13.11
N TYR A 284 -8.30 -2.24 12.20
CA TYR A 284 -8.71 -0.90 12.54
C TYR A 284 -10.18 -0.74 12.15
N CYS A 285 -10.95 -0.13 13.01
CA CYS A 285 -12.30 0.31 12.63
C CYS A 285 -12.27 1.83 12.66
N ILE A 286 -12.32 2.43 11.49
CA ILE A 286 -12.37 3.88 11.33
C ILE A 286 -13.82 4.28 11.12
N ASP A 287 -14.34 5.11 12.01
CA ASP A 287 -15.75 5.51 12.06
C ASP A 287 -15.73 7.03 12.01
N GLY A 288 -15.55 7.57 10.81
CA GLY A 288 -15.35 8.99 10.63
C GLY A 288 -14.12 9.47 11.35
N ALA A 289 -14.30 10.28 12.40
CA ALA A 289 -13.17 10.75 13.19
C ALA A 289 -12.72 9.78 14.27
N LEU A 290 -13.46 8.70 14.52
CA LEU A 290 -13.17 7.79 15.63
C LEU A 290 -12.42 6.55 15.14
N LEU A 291 -11.42 6.14 15.90
CA LEU A 291 -10.61 4.98 15.57
C LEU A 291 -10.67 4.01 16.75
N THR A 292 -10.95 2.75 16.48
CA THR A 292 -10.76 1.68 17.45
C THR A 292 -10.00 0.54 16.81
N LYS A 293 -9.33 -0.27 17.64
CA LYS A 293 -8.53 -1.38 17.16
C LYS A 293 -8.94 -2.66 17.87
N SER A 294 -8.84 -3.78 17.15
CA SER A 294 -9.10 -5.07 17.77
C SER A 294 -8.37 -6.15 16.98
N SER A 295 -8.00 -7.24 17.68
CA SER A 295 -7.28 -8.31 17.01
C SER A 295 -8.22 -9.14 16.14
N GLU A 296 -9.52 -9.19 16.49
CA GLU A 296 -10.50 -9.98 15.76
C GLU A 296 -11.71 -9.12 15.40
N TYR A 297 -12.51 -9.60 14.45
CA TYR A 297 -13.69 -8.85 14.00
C TYR A 297 -14.77 -9.79 13.51
N LYS A 298 -16.00 -9.63 14.03
CA LYS A 298 -17.19 -10.25 13.49
C LYS A 298 -18.23 -9.15 13.46
N GLY A 299 -18.85 -8.92 12.32
CA GLY A 299 -19.82 -7.86 12.20
C GLY A 299 -20.47 -7.83 10.83
N PRO A 300 -21.47 -6.92 10.64
CA PRO A 300 -22.21 -6.86 9.37
C PRO A 300 -21.41 -6.18 8.29
N ILE A 301 -20.91 -6.94 7.32
CA ILE A 301 -20.06 -6.44 6.24
C ILE A 301 -20.86 -6.49 4.95
N THR A 302 -20.65 -5.51 4.07
CA THR A 302 -21.32 -5.47 2.78
C THR A 302 -20.34 -5.30 1.58
N ASP A 303 -19.10 -4.86 1.79
CA ASP A 303 -18.09 -4.84 0.73
C ASP A 303 -16.79 -5.28 1.35
N VAL A 304 -15.99 -6.07 0.61
CA VAL A 304 -14.61 -6.34 0.99
C VAL A 304 -13.73 -6.11 -0.24
N PHE A 305 -12.65 -5.40 -0.05
CA PHE A 305 -11.67 -5.11 -1.09
C PHE A 305 -10.42 -5.92 -0.85
N TYR A 306 -9.88 -6.45 -1.93
CA TYR A 306 -8.66 -7.23 -1.86
C TYR A 306 -7.71 -6.73 -2.93
N LYS A 307 -6.46 -6.45 -2.57
CA LYS A 307 -5.47 -6.15 -3.60
C LYS A 307 -5.15 -7.38 -4.44
N GLU A 308 -4.70 -7.13 -5.66
CA GLU A 308 -4.45 -8.20 -6.60
C GLU A 308 -3.40 -7.74 -7.59
N ASN A 309 -2.86 -8.69 -8.34
CA ASN A 309 -2.17 -8.31 -9.56
C ASN A 309 -2.53 -9.32 -10.65
N SER A 310 -2.16 -10.58 -10.45
CA SER A 310 -2.50 -11.66 -11.37
C SER A 310 -2.78 -12.94 -10.63
N TYR A 311 -3.97 -13.48 -10.84
CA TYR A 311 -4.39 -14.76 -10.28
C TYR A 311 -4.76 -15.70 -11.42
N THR A 312 -4.28 -16.94 -11.33
CA THR A 312 -4.67 -17.99 -12.26
C THR A 312 -5.03 -19.23 -11.46
N THR A 313 -6.20 -19.81 -11.74
CA THR A 313 -6.69 -20.94 -10.96
C THR A 313 -5.79 -22.16 -11.20
N THR A 314 -5.83 -23.09 -10.24
CA THR A 314 -5.29 -24.42 -10.44
C THR A 314 -6.36 -25.46 -10.74
N ILE A 315 -7.63 -25.08 -10.73
CA ILE A 315 -8.71 -26.00 -11.10
C ILE A 315 -8.62 -26.38 -12.57
N GLY B 1 -6.17 -51.06 20.83
CA GLY B 1 -5.96 -51.49 19.46
C GLY B 1 -4.47 -51.61 19.13
N GLU B 2 -4.20 -51.80 17.85
CA GLU B 2 -2.86 -51.98 17.31
C GLU B 2 -1.99 -50.77 17.64
N VAL B 3 -0.74 -51.00 18.02
CA VAL B 3 0.20 -49.92 18.22
C VAL B 3 1.23 -50.05 17.09
N ARG B 4 1.07 -49.28 16.04
CA ARG B 4 2.06 -49.32 15.00
C ARG B 4 2.97 -48.15 15.22
N THR B 5 4.15 -48.05 14.59
CA THR B 5 5.14 -46.99 14.71
C THR B 5 5.79 -46.72 13.36
N ILE B 6 6.26 -45.48 13.19
CA ILE B 6 7.12 -45.13 12.06
C ILE B 6 8.32 -44.39 12.63
N LYS B 7 9.39 -44.33 11.84
CA LYS B 7 10.57 -43.53 12.16
C LYS B 7 10.48 -42.20 11.42
N VAL B 8 10.71 -41.10 12.12
CA VAL B 8 10.84 -39.78 11.51
C VAL B 8 12.05 -39.10 12.13
N PHE B 9 12.36 -37.90 11.63
CA PHE B 9 13.40 -37.06 12.22
C PHE B 9 12.77 -35.80 12.77
N THR B 10 13.21 -35.38 13.96
CA THR B 10 12.85 -34.06 14.46
C THR B 10 14.08 -33.15 14.42
N THR B 11 13.82 -31.86 14.38
CA THR B 11 14.89 -30.88 14.23
C THR B 11 14.35 -29.52 14.67
N VAL B 12 15.28 -28.64 15.06
CA VAL B 12 14.97 -27.23 15.16
C VAL B 12 15.68 -26.40 14.09
N ASP B 13 16.69 -26.93 13.41
CA ASP B 13 17.49 -26.16 12.46
C ASP B 13 17.58 -26.78 11.06
N ASN B 14 17.06 -27.99 10.89
CA ASN B 14 17.19 -28.77 9.67
C ASN B 14 18.64 -29.06 9.31
N ILE B 15 19.53 -28.95 10.27
CA ILE B 15 20.93 -29.34 10.11
C ILE B 15 21.24 -30.57 10.97
N ASN B 16 20.85 -30.53 12.25
CA ASN B 16 20.98 -31.63 13.18
C ASN B 16 19.63 -32.34 13.25
N LEU B 17 19.61 -33.59 12.79
CA LEU B 17 18.39 -34.38 12.70
C LEU B 17 18.41 -35.44 13.80
N HIS B 18 17.28 -35.62 14.47
CA HIS B 18 17.19 -36.49 15.64
C HIS B 18 16.16 -37.59 15.38
N THR B 19 16.63 -38.83 15.28
CA THR B 19 15.73 -39.92 14.94
C THR B 19 14.73 -40.14 16.07
N GLN B 20 13.47 -40.24 15.70
CA GLN B 20 12.41 -40.59 16.64
C GLN B 20 11.62 -41.77 16.11
N VAL B 21 11.15 -42.61 17.04
CA VAL B 21 10.15 -43.64 16.75
C VAL B 21 8.83 -43.08 17.27
N VAL B 22 7.83 -42.94 16.41
CA VAL B 22 6.59 -42.28 16.77
C VAL B 22 5.44 -43.28 16.76
N ASP B 23 4.55 -43.15 17.75
CA ASP B 23 3.33 -43.95 17.91
C ASP B 23 2.22 -43.39 17.03
N MET B 24 1.80 -44.18 16.03
CA MET B 24 0.80 -43.73 15.09
C MET B 24 -0.57 -43.66 15.74
N SER B 25 -0.71 -44.23 16.94
CA SER B 25 -1.94 -44.15 17.69
C SER B 25 -2.05 -42.86 18.51
N MET B 26 -1.03 -41.99 18.50
CA MET B 26 -1.11 -40.70 19.19
C MET B 26 -0.77 -39.56 18.24
N THR B 27 -1.21 -38.34 18.58
CA THR B 27 -0.87 -37.16 17.78
C THR B 27 0.59 -36.73 17.99
N TYR B 28 1.11 -35.98 17.00
CA TYR B 28 2.47 -35.46 17.11
C TYR B 28 2.60 -34.60 18.34
N GLY B 29 1.60 -33.75 18.60
CA GLY B 29 1.67 -32.92 19.80
C GLY B 29 1.72 -33.72 21.09
N GLN B 30 1.01 -34.85 21.16
CA GLN B 30 1.09 -35.67 22.37
C GLN B 30 2.47 -36.25 22.61
N GLN B 31 3.31 -36.31 21.60
CA GLN B 31 4.62 -36.93 21.72
C GLN B 31 5.77 -35.93 21.67
N PHE B 32 5.59 -34.85 20.94
CA PHE B 32 6.65 -33.88 20.68
C PHE B 32 6.35 -32.48 21.17
N GLY B 33 5.09 -32.15 21.45
CA GLY B 33 4.71 -30.77 21.58
C GLY B 33 4.44 -30.20 20.20
N PRO B 34 4.43 -28.88 20.07
CA PRO B 34 4.15 -28.29 18.75
C PRO B 34 5.10 -28.85 17.71
N THR B 35 4.55 -29.27 16.58
CA THR B 35 5.28 -29.98 15.53
C THR B 35 4.82 -29.48 14.17
N TYR B 36 5.78 -29.34 13.25
CA TYR B 36 5.50 -28.79 11.94
C TYR B 36 6.14 -29.60 10.84
N LEU B 37 5.44 -29.71 9.72
CA LEU B 37 5.93 -30.41 8.54
C LEU B 37 5.95 -29.42 7.38
N ASP B 38 7.15 -29.04 6.95
CA ASP B 38 7.30 -28.05 5.89
C ASP B 38 6.40 -26.83 6.13
N GLY B 39 6.38 -26.37 7.38
CA GLY B 39 5.63 -25.18 7.73
C GLY B 39 4.23 -25.46 8.24
N ALA B 40 3.62 -26.56 7.81
CA ALA B 40 2.28 -26.90 8.26
C ALA B 40 2.27 -27.35 9.72
N ASP B 41 1.28 -26.88 10.47
CA ASP B 41 1.12 -27.26 11.87
C ASP B 41 0.47 -28.64 11.95
N VAL B 42 1.21 -29.63 12.46
CA VAL B 42 0.69 -31.00 12.55
C VAL B 42 0.56 -31.44 14.01
N THR B 43 0.51 -30.50 14.94
CA THR B 43 0.48 -30.80 16.36
C THR B 43 -0.74 -31.63 16.76
N LYS B 44 -1.85 -31.53 16.03
CA LYS B 44 -3.06 -32.23 16.40
C LYS B 44 -3.36 -33.42 15.51
N ILE B 45 -2.54 -33.65 14.47
CA ILE B 45 -2.78 -34.72 13.51
C ILE B 45 -1.93 -35.89 13.97
N LYS B 46 -2.39 -37.09 13.67
CA LYS B 46 -1.70 -38.32 14.00
C LYS B 46 -0.78 -38.73 12.85
N PRO B 47 0.29 -39.46 13.14
CA PRO B 47 1.21 -39.86 12.05
C PRO B 47 0.51 -40.62 10.92
N HIS B 48 0.95 -40.34 9.68
CA HIS B 48 0.50 -41.04 8.49
C HIS B 48 1.63 -41.91 7.96
N ASN B 49 1.27 -42.97 7.22
CA ASN B 49 2.29 -43.85 6.67
C ASN B 49 3.31 -43.08 5.83
N SER B 50 2.84 -42.09 5.07
CA SER B 50 3.71 -41.34 4.18
C SER B 50 4.68 -40.43 4.91
N HIS B 51 4.52 -40.25 6.22
CA HIS B 51 5.46 -39.43 6.99
C HIS B 51 6.73 -40.15 7.32
N GLU B 52 6.82 -41.44 7.03
CA GLU B 52 7.99 -42.20 7.43
C GLU B 52 9.21 -41.61 6.76
N GLY B 53 10.25 -41.34 7.55
CA GLY B 53 11.50 -40.82 7.03
C GLY B 53 11.54 -39.32 6.85
N LYS B 54 10.43 -38.61 7.06
CA LYS B 54 10.40 -37.17 6.85
C LYS B 54 10.92 -36.42 8.08
N THR B 55 11.25 -35.14 7.86
CA THR B 55 11.82 -34.29 8.90
C THR B 55 10.74 -33.32 9.37
N PHE B 56 10.59 -33.21 10.70
CA PHE B 56 9.58 -32.36 11.34
C PHE B 56 10.30 -31.34 12.21
N TYR B 57 9.84 -30.09 12.17
CA TYR B 57 10.32 -29.11 13.13
C TYR B 57 9.54 -29.22 14.44
N VAL B 58 10.26 -29.11 15.56
CA VAL B 58 9.67 -29.12 16.89
C VAL B 58 10.21 -27.93 17.67
N LEU B 59 9.46 -27.51 18.68
CA LEU B 59 9.92 -26.42 19.54
C LEU B 59 11.04 -26.93 20.43
N PRO B 60 12.03 -26.10 20.73
CA PRO B 60 13.10 -26.52 21.63
C PRO B 60 12.55 -26.85 23.02
N ASN B 61 12.55 -28.14 23.39
CA ASN B 61 11.99 -28.56 24.67
C ASN B 61 13.04 -29.08 25.64
N ASP B 62 14.30 -29.11 25.25
CA ASP B 62 15.39 -29.51 26.13
C ASP B 62 16.60 -28.63 25.83
N ASP B 63 17.61 -28.72 26.70
CA ASP B 63 18.74 -27.80 26.56
C ASP B 63 19.51 -28.06 25.26
N THR B 64 19.58 -29.31 24.82
CA THR B 64 20.22 -29.60 23.54
C THR B 64 19.52 -28.88 22.40
N LEU B 65 18.19 -28.97 22.33
CA LEU B 65 17.47 -28.30 21.25
C LEU B 65 17.56 -26.78 21.39
N ARG B 66 17.57 -26.27 22.61
CA ARG B 66 17.64 -24.83 22.83
C ARG B 66 18.97 -24.27 22.37
N VAL B 67 20.05 -25.03 22.61
CA VAL B 67 21.36 -24.61 22.12
C VAL B 67 21.40 -24.65 20.61
N GLU B 68 20.90 -25.74 20.01
CA GLU B 68 20.91 -25.81 18.55
C GLU B 68 20.09 -24.67 17.96
N ALA B 69 18.92 -24.38 18.54
CA ALA B 69 18.08 -23.30 18.01
C ALA B 69 18.78 -21.95 18.11
N PHE B 70 19.34 -21.64 19.29
CA PHE B 70 20.00 -20.36 19.48
C PHE B 70 21.21 -20.22 18.56
N GLU B 71 22.02 -21.28 18.42
CA GLU B 71 23.18 -21.21 17.54
C GLU B 71 22.75 -21.02 16.08
N TYR B 72 21.59 -21.53 15.70
CA TYR B 72 21.18 -21.43 14.31
C TYR B 72 20.47 -20.10 14.01
N TYR B 73 19.62 -19.64 14.91
CA TYR B 73 18.77 -18.46 14.65
C TYR B 73 19.23 -17.18 15.35
N HIS B 74 20.08 -17.29 16.38
CA HIS B 74 20.52 -16.15 17.18
C HIS B 74 19.36 -15.43 17.86
N THR B 75 18.38 -16.18 18.31
CA THR B 75 17.29 -15.64 19.11
C THR B 75 16.87 -16.70 20.10
N THR B 76 16.39 -16.24 21.25
CA THR B 76 15.80 -17.11 22.26
C THR B 76 14.30 -16.90 22.39
N ASP B 77 13.70 -16.06 21.53
CA ASP B 77 12.26 -15.80 21.50
C ASP B 77 11.49 -17.09 21.31
N PRO B 78 10.72 -17.52 22.31
CA PRO B 78 10.06 -18.83 22.22
C PRO B 78 9.02 -18.90 21.12
N SER B 79 8.52 -17.75 20.65
CA SER B 79 7.55 -17.74 19.56
C SER B 79 8.19 -17.77 18.17
N PHE B 80 9.51 -17.65 18.06
CA PHE B 80 10.12 -17.47 16.73
C PHE B 80 9.85 -18.64 15.81
N LEU B 81 10.20 -19.86 16.24
CA LEU B 81 10.06 -21.00 15.33
C LEU B 81 8.63 -21.13 14.84
N GLY B 82 7.65 -20.90 15.72
CA GLY B 82 6.26 -20.98 15.30
C GLY B 82 5.89 -19.91 14.28
N ARG B 83 6.38 -18.70 14.47
CA ARG B 83 6.13 -17.65 13.49
C ARG B 83 6.82 -17.94 12.17
N TYR B 84 8.06 -18.47 12.23
CA TYR B 84 8.78 -18.84 11.02
C TYR B 84 8.02 -19.94 10.27
N MET B 85 7.57 -20.95 11.00
CA MET B 85 6.83 -22.02 10.34
C MET B 85 5.52 -21.50 9.76
N SER B 86 4.82 -20.66 10.51
CA SER B 86 3.56 -20.10 10.01
C SER B 86 3.78 -19.35 8.70
N ALA B 87 4.85 -18.53 8.65
CA ALA B 87 5.17 -17.79 7.42
C ALA B 87 5.53 -18.72 6.28
N LEU B 88 6.38 -19.73 6.56
CA LEU B 88 6.85 -20.61 5.50
C LEU B 88 5.70 -21.34 4.85
N ASN B 89 4.69 -21.71 5.63
CA ASN B 89 3.54 -22.40 5.08
C ASN B 89 2.90 -21.59 3.95
N HIS B 90 3.02 -20.26 3.99
CA HIS B 90 2.57 -19.39 2.90
C HIS B 90 3.65 -19.12 1.86
N THR B 91 4.87 -18.76 2.29
CA THR B 91 5.87 -18.37 1.31
C THR B 91 6.29 -19.53 0.41
N LYS B 92 6.14 -20.79 0.87
CA LYS B 92 6.46 -21.91 -0.01
C LYS B 92 5.51 -21.99 -1.20
N LYS B 93 4.34 -21.33 -1.13
CA LYS B 93 3.40 -21.31 -2.25
C LYS B 93 3.56 -20.09 -3.14
N TRP B 94 4.33 -19.09 -2.72
CA TRP B 94 4.68 -18.00 -3.60
C TRP B 94 5.50 -18.53 -4.78
N LYS B 95 5.54 -17.73 -5.82
CA LYS B 95 6.40 -17.97 -6.97
C LYS B 95 7.58 -17.02 -6.96
N TYR B 96 8.75 -17.53 -7.36
CA TYR B 96 9.99 -16.77 -7.35
C TYR B 96 10.60 -16.75 -8.74
N PRO B 97 10.04 -15.97 -9.64
CA PRO B 97 10.58 -15.91 -11.00
C PRO B 97 11.95 -15.25 -11.02
N GLN B 98 12.79 -15.75 -11.92
CA GLN B 98 14.03 -15.05 -12.20
C GLN B 98 13.62 -13.90 -13.10
N VAL B 99 13.93 -12.70 -12.66
CA VAL B 99 13.56 -11.52 -13.40
C VAL B 99 14.82 -10.69 -13.52
N ASN B 100 15.29 -10.51 -14.75
CA ASN B 100 16.46 -9.68 -14.96
C ASN B 100 17.66 -10.20 -14.18
N GLY B 101 17.85 -11.53 -14.17
CA GLY B 101 18.99 -12.16 -13.53
C GLY B 101 18.97 -12.18 -12.01
N LEU B 102 17.88 -11.73 -11.41
CA LEU B 102 17.70 -11.68 -9.97
C LEU B 102 16.48 -12.47 -9.56
N THR B 103 16.51 -13.03 -8.35
CA THR B 103 15.32 -13.70 -7.84
C THR B 103 14.33 -12.65 -7.35
N SER B 104 13.13 -12.66 -7.92
CA SER B 104 12.04 -11.77 -7.51
C SER B 104 10.96 -12.59 -6.84
N ILE B 105 9.79 -11.95 -6.62
CA ILE B 105 8.65 -12.64 -6.05
C ILE B 105 7.40 -12.17 -6.79
N LYS B 106 6.59 -13.11 -7.29
CA LYS B 106 5.31 -12.73 -7.89
C LYS B 106 4.39 -12.14 -6.80
N TRP B 107 3.66 -11.08 -7.16
CA TRP B 107 2.90 -10.34 -6.15
C TRP B 107 1.90 -11.29 -5.48
N ALA B 108 1.89 -11.26 -4.16
CA ALA B 108 0.92 -11.97 -3.33
C ALA B 108 0.95 -11.40 -1.91
N ASP B 109 -0.21 -11.34 -1.25
CA ASP B 109 -0.20 -11.13 0.20
C ASP B 109 0.57 -9.87 0.62
N ASN B 110 0.41 -8.78 -0.12
CA ASN B 110 1.09 -7.52 0.17
C ASN B 110 2.60 -7.70 0.30
N ASN B 111 3.19 -8.49 -0.56
CA ASN B 111 4.61 -8.80 -0.44
C ASN B 111 5.52 -7.94 -1.31
N SER B 112 5.04 -6.81 -1.83
CA SER B 112 5.91 -5.99 -2.69
C SER B 112 7.16 -5.49 -1.94
N TYR B 113 7.02 -5.21 -0.64
CA TYR B 113 8.16 -4.75 0.15
C TYR B 113 9.22 -5.85 0.26
N LEU B 114 8.78 -7.11 0.37
CA LEU B 114 9.71 -8.22 0.48
C LEU B 114 10.39 -8.48 -0.86
N ALA B 115 9.65 -8.39 -1.97
CA ALA B 115 10.31 -8.50 -3.27
C ALA B 115 11.37 -7.41 -3.46
N THR B 116 11.03 -6.17 -3.11
CA THR B 116 11.97 -5.07 -3.26
C THR B 116 13.20 -5.29 -2.36
N ALA B 117 12.98 -5.74 -1.11
CA ALA B 117 14.10 -6.03 -0.21
C ALA B 117 14.96 -7.18 -0.76
N LEU B 118 14.33 -8.25 -1.24
CA LEU B 118 15.07 -9.40 -1.76
C LEU B 118 15.94 -9.00 -2.94
N LEU B 119 15.36 -8.23 -3.89
CA LEU B 119 16.12 -7.74 -5.04
C LEU B 119 17.29 -6.88 -4.60
N THR B 120 17.06 -6.03 -3.59
CA THR B 120 18.13 -5.18 -3.10
C THR B 120 19.25 -6.01 -2.49
N LEU B 121 18.90 -7.01 -1.68
CA LEU B 121 19.93 -7.83 -1.01
C LEU B 121 20.82 -8.57 -2.00
N GLN B 122 20.36 -8.83 -3.21
CA GLN B 122 21.16 -9.50 -4.22
C GLN B 122 22.12 -8.56 -4.92
N GLN B 123 22.06 -7.28 -4.59
CA GLN B 123 22.87 -6.27 -5.25
C GLN B 123 23.81 -5.55 -4.30
N ILE B 124 23.65 -5.74 -2.99
CA ILE B 124 24.58 -5.13 -2.03
C ILE B 124 25.32 -6.23 -1.28
N GLU B 125 26.51 -5.87 -0.74
CA GLU B 125 27.38 -6.82 -0.05
C GLU B 125 27.09 -6.88 1.43
N LEU B 126 26.54 -8.02 1.89
CA LEU B 126 26.11 -8.20 3.27
C LEU B 126 26.42 -9.62 3.68
N LYS B 127 26.93 -9.80 4.90
CA LYS B 127 27.15 -11.13 5.45
C LYS B 127 26.28 -11.27 6.68
N PHE B 128 25.37 -12.22 6.64
CA PHE B 128 24.50 -12.45 7.77
C PHE B 128 25.25 -13.24 8.84
N ASN B 129 24.98 -12.92 10.10
CA ASN B 129 25.61 -13.67 11.17
C ASN B 129 24.86 -14.95 11.53
N PRO B 130 23.54 -14.92 11.70
CA PRO B 130 22.83 -16.16 12.03
C PRO B 130 22.96 -17.14 10.88
N PRO B 131 23.45 -18.35 11.14
CA PRO B 131 23.51 -19.36 10.07
C PRO B 131 22.19 -19.55 9.34
N ALA B 132 21.06 -19.42 10.03
CA ALA B 132 19.79 -19.57 9.36
C ALA B 132 19.66 -18.59 8.19
N LEU B 133 20.05 -17.34 8.40
CA LEU B 133 19.94 -16.35 7.32
C LEU B 133 20.99 -16.59 6.27
N GLN B 134 22.21 -16.93 6.67
CA GLN B 134 23.24 -17.23 5.69
C GLN B 134 22.81 -18.32 4.73
N ASP B 135 22.36 -19.45 5.27
CA ASP B 135 21.98 -20.58 4.44
C ASP B 135 20.82 -20.20 3.50
N ALA B 136 19.79 -19.57 4.07
CA ALA B 136 18.60 -19.23 3.29
C ALA B 136 18.88 -18.17 2.24
N TYR B 137 19.80 -17.24 2.52
CA TYR B 137 20.19 -16.22 1.53
C TYR B 137 20.85 -16.85 0.32
N TYR B 138 21.68 -17.83 0.58
CA TYR B 138 22.37 -18.53 -0.45
C TYR B 138 21.37 -19.24 -1.33
N ARG B 139 20.44 -19.93 -0.70
CA ARG B 139 19.40 -20.59 -1.48
C ARG B 139 18.55 -19.59 -2.24
N ALA B 140 18.25 -18.44 -1.61
CA ALA B 140 17.42 -17.45 -2.29
C ALA B 140 18.11 -16.87 -3.52
N ARG B 141 19.41 -16.63 -3.44
CA ARG B 141 20.16 -16.07 -4.55
C ARG B 141 20.12 -16.99 -5.78
N ALA B 142 20.01 -18.28 -5.51
CA ALA B 142 19.98 -19.29 -6.55
C ALA B 142 18.58 -19.57 -7.06
N GLY B 143 17.56 -18.92 -6.48
CA GLY B 143 16.21 -19.02 -6.98
C GLY B 143 15.19 -19.62 -6.03
N GLU B 144 15.60 -20.21 -4.91
CA GLU B 144 14.67 -20.85 -3.97
C GLU B 144 14.60 -19.98 -2.71
N ALA B 145 13.70 -19.00 -2.73
CA ALA B 145 13.70 -17.94 -1.73
C ALA B 145 12.64 -18.08 -0.64
N ALA B 146 11.87 -19.18 -0.63
CA ALA B 146 10.76 -19.29 0.31
C ALA B 146 11.23 -19.27 1.77
N ASN B 147 12.30 -19.98 2.10
CA ASN B 147 12.75 -19.97 3.49
C ASN B 147 13.29 -18.61 3.90
N PHE B 148 14.03 -17.96 3.02
CA PHE B 148 14.57 -16.63 3.30
C PHE B 148 13.45 -15.63 3.60
N CYS B 149 12.41 -15.62 2.75
CA CYS B 149 11.29 -14.72 2.97
C CYS B 149 10.59 -15.03 4.29
N ALA B 150 10.43 -16.32 4.61
CA ALA B 150 9.77 -16.67 5.86
C ALA B 150 10.61 -16.25 7.06
N LEU B 151 11.94 -16.39 6.96
CA LEU B 151 12.80 -15.94 8.05
C LEU B 151 12.76 -14.42 8.21
N ILE B 152 12.76 -13.68 7.09
CA ILE B 152 12.67 -12.22 7.17
C ILE B 152 11.41 -11.82 7.92
N LEU B 153 10.29 -12.45 7.57
CA LEU B 153 9.03 -12.16 8.26
C LEU B 153 9.15 -12.44 9.75
N ALA B 154 9.73 -13.59 10.11
CA ALA B 154 9.86 -13.95 11.52
C ALA B 154 10.80 -13.00 12.25
N TYR B 155 11.99 -12.75 11.68
CA TYR B 155 12.91 -11.81 12.33
C TYR B 155 12.28 -10.45 12.50
N CYS B 156 11.53 -9.98 11.50
CA CYS B 156 10.95 -8.64 11.58
C CYS B 156 9.62 -8.61 12.28
N ASN B 157 9.13 -9.76 12.77
CA ASN B 157 7.85 -9.85 13.44
C ASN B 157 6.72 -9.31 12.58
N LYS B 158 6.73 -9.72 11.32
CA LYS B 158 5.66 -9.42 10.39
C LYS B 158 4.95 -10.72 10.04
N THR B 159 3.64 -10.65 9.86
CA THR B 159 2.91 -11.81 9.36
C THR B 159 2.65 -11.69 7.87
N VAL B 160 2.43 -12.84 7.25
CA VAL B 160 2.04 -12.88 5.84
C VAL B 160 0.76 -12.08 5.65
N GLY B 161 0.76 -11.18 4.66
CA GLY B 161 -0.38 -10.33 4.37
C GLY B 161 -0.28 -8.90 4.88
N GLU B 162 0.66 -8.64 5.78
CA GLU B 162 0.90 -7.34 6.36
C GLU B 162 1.91 -6.61 5.48
N LEU B 163 1.57 -5.42 5.02
CA LEU B 163 2.56 -4.64 4.26
C LEU B 163 3.60 -4.07 5.22
N GLY B 164 4.88 -4.30 4.92
CA GLY B 164 5.95 -3.73 5.70
C GLY B 164 6.65 -2.62 4.93
N ASP B 165 7.55 -1.93 5.66
CA ASP B 165 8.34 -0.81 5.17
C ASP B 165 9.73 -1.35 4.83
N VAL B 166 10.21 -1.05 3.61
CA VAL B 166 11.49 -1.64 3.16
C VAL B 166 12.64 -1.16 4.05
N ARG B 167 12.72 0.15 4.28
CA ARG B 167 13.76 0.71 5.15
C ARG B 167 13.76 0.05 6.53
N GLU B 168 12.57 -0.14 7.13
CA GLU B 168 12.50 -0.79 8.44
C GLU B 168 12.99 -2.23 8.35
N THR B 169 12.63 -2.93 7.27
CA THR B 169 12.99 -4.33 7.09
C THR B 169 14.50 -4.44 6.94
N MET B 170 15.06 -3.60 6.09
CA MET B 170 16.50 -3.65 5.86
C MET B 170 17.22 -3.31 7.16
N SER B 171 16.72 -2.30 7.87
CA SER B 171 17.34 -1.88 9.12
C SER B 171 17.42 -3.03 10.10
N TYR B 172 16.33 -3.79 10.24
CA TYR B 172 16.41 -4.91 11.18
C TYR B 172 17.32 -6.02 10.66
N LEU B 173 17.27 -6.32 9.38
CA LEU B 173 18.18 -7.34 8.84
C LEU B 173 19.63 -6.92 9.04
N PHE B 174 19.91 -5.62 8.88
CA PHE B 174 21.27 -5.13 9.07
C PHE B 174 21.75 -5.37 10.51
N GLN B 175 20.83 -5.39 11.46
CA GLN B 175 21.19 -5.66 12.85
C GLN B 175 21.69 -7.09 13.03
N HIS B 176 21.37 -7.98 12.10
CA HIS B 176 21.83 -9.35 12.11
C HIS B 176 22.94 -9.58 11.12
N ALA B 177 23.57 -8.51 10.65
CA ALA B 177 24.65 -8.60 9.68
C ALA B 177 25.93 -8.11 10.33
N ASN B 178 27.06 -8.51 9.76
CA ASN B 178 28.35 -8.09 10.28
C ASN B 178 28.70 -6.76 9.64
N LEU B 179 28.27 -5.67 10.27
CA LEU B 179 28.56 -4.31 9.81
C LEU B 179 29.41 -3.55 10.82
N ASP B 180 30.05 -4.25 11.76
CA ASP B 180 30.66 -3.55 12.90
C ASP B 180 31.78 -2.62 12.47
N SER B 181 32.52 -2.98 11.43
CA SER B 181 33.62 -2.15 10.95
C SER B 181 33.16 -0.95 10.12
N CYS B 182 31.89 -0.85 9.78
CA CYS B 182 31.41 0.32 9.02
C CYS B 182 31.54 1.58 9.85
N LYS B 183 31.97 2.67 9.20
CA LYS B 183 32.25 3.91 9.89
C LYS B 183 31.81 5.08 9.03
N ARG B 184 31.19 6.07 9.66
CA ARG B 184 30.79 7.30 9.01
C ARG B 184 31.25 8.46 9.87
N VAL B 185 31.90 9.45 9.27
CA VAL B 185 32.25 10.70 9.92
C VAL B 185 31.49 11.84 9.23
N LEU B 186 30.79 12.63 10.03
CA LEU B 186 29.99 13.75 9.57
C LEU B 186 30.52 15.03 10.21
N ASN B 187 30.39 16.15 9.51
CA ASN B 187 30.67 17.45 10.11
C ASN B 187 29.45 18.34 9.94
N VAL B 188 29.12 19.06 11.02
CA VAL B 188 28.00 19.98 11.01
C VAL B 188 28.57 21.36 11.31
N VAL B 189 28.24 22.33 10.50
CA VAL B 189 28.81 23.66 10.59
C VAL B 189 27.65 24.63 10.75
N CYS B 190 27.57 25.26 11.93
CA CYS B 190 26.60 26.32 12.19
C CYS B 190 27.40 27.63 12.11
N LYS B 191 26.85 28.65 11.45
CA LYS B 191 27.60 29.89 11.33
C LYS B 191 27.93 30.51 12.68
N THR B 192 27.15 30.22 13.69
CA THR B 192 27.39 30.76 15.00
C THR B 192 27.93 29.79 16.03
N CYS B 193 27.46 28.55 16.03
CA CYS B 193 27.87 27.59 17.01
C CYS B 193 29.19 26.89 16.66
N GLY B 194 29.78 27.15 15.52
CA GLY B 194 31.01 26.48 15.17
C GLY B 194 30.70 25.20 14.43
N GLN B 195 31.65 24.28 14.51
CA GLN B 195 31.56 23.02 13.80
C GLN B 195 31.63 21.88 14.80
N GLN B 196 30.99 20.77 14.46
CA GLN B 196 31.02 19.61 15.33
C GLN B 196 31.06 18.36 14.46
N GLN B 197 32.07 17.53 14.69
CA GLN B 197 32.21 16.27 13.96
C GLN B 197 31.59 15.16 14.77
N THR B 198 30.96 14.22 14.08
CA THR B 198 30.39 13.04 14.69
C THR B 198 30.83 11.82 13.91
N THR B 199 31.10 10.73 14.62
CA THR B 199 31.45 9.45 14.03
C THR B 199 30.39 8.44 14.41
N LEU B 200 29.84 7.76 13.41
CA LEU B 200 28.86 6.70 13.61
C LEU B 200 29.51 5.38 13.22
N LYS B 201 29.03 4.29 13.82
CA LYS B 201 29.57 2.99 13.52
C LYS B 201 28.44 2.00 13.33
N GLY B 202 28.76 0.92 12.64
CA GLY B 202 27.78 -0.16 12.48
C GLY B 202 26.62 0.23 11.58
N VAL B 203 25.42 -0.26 11.88
CA VAL B 203 24.24 0.00 11.08
C VAL B 203 23.88 1.46 10.93
N GLU B 204 24.18 2.23 11.96
CA GLU B 204 23.95 3.67 11.93
C GLU B 204 24.89 4.32 10.92
N ALA B 205 26.02 3.68 10.60
CA ALA B 205 26.95 4.25 9.64
C ALA B 205 26.52 4.05 8.19
N VAL B 206 25.55 3.17 7.92
CA VAL B 206 25.15 2.91 6.54
C VAL B 206 23.75 3.42 6.20
N MET B 207 23.03 4.03 7.15
CA MET B 207 21.66 4.47 6.94
C MET B 207 21.55 5.97 7.16
N TYR B 208 20.70 6.60 6.37
CA TYR B 208 20.40 8.02 6.57
C TYR B 208 18.95 8.27 6.18
N MET B 209 18.25 9.08 6.95
CA MET B 209 16.85 9.39 6.72
C MET B 209 16.73 10.90 6.55
N GLY B 210 16.31 11.34 5.36
CA GLY B 210 16.21 12.77 5.12
C GLY B 210 16.57 13.25 3.72
N THR B 211 17.44 12.52 3.02
CA THR B 211 17.82 12.84 1.66
C THR B 211 18.07 11.55 0.91
N LEU B 212 17.71 11.54 -0.36
CA LEU B 212 17.96 10.38 -1.20
C LEU B 212 19.31 10.44 -1.91
N SER B 213 19.87 11.63 -2.05
CA SER B 213 21.02 11.87 -2.90
C SER B 213 22.31 11.72 -2.12
N TYR B 214 23.16 10.76 -2.49
CA TYR B 214 24.44 10.59 -1.86
C TYR B 214 25.31 11.80 -2.17
N GLU B 215 25.24 12.32 -3.38
CA GLU B 215 26.01 13.50 -3.74
C GLU B 215 25.64 14.70 -2.89
N GLN B 216 24.37 14.86 -2.57
CA GLN B 216 23.93 16.01 -1.79
C GLN B 216 24.44 15.86 -0.38
N PHE B 217 24.43 14.64 0.13
CA PHE B 217 24.97 14.38 1.46
C PHE B 217 26.45 14.74 1.50
N LYS B 218 27.17 14.46 0.42
CA LYS B 218 28.58 14.85 0.35
C LYS B 218 28.76 16.36 0.23
N LYS B 219 27.88 17.03 -0.51
CA LYS B 219 28.05 18.47 -0.71
C LYS B 219 27.54 19.26 0.49
N GLY B 220 26.56 18.74 1.21
CA GLY B 220 25.98 19.43 2.33
C GLY B 220 24.47 19.52 2.26
N VAL B 221 23.82 19.14 3.36
CA VAL B 221 22.38 19.28 3.52
C VAL B 221 22.12 20.21 4.70
N GLN B 222 21.07 21.02 4.56
CA GLN B 222 20.70 21.97 5.59
C GLN B 222 19.85 21.28 6.64
N ILE B 223 20.17 21.49 7.91
CA ILE B 223 19.40 20.93 9.01
C ILE B 223 19.17 22.02 10.04
N PRO B 224 18.18 21.86 10.92
CA PRO B 224 17.99 22.82 12.02
C PRO B 224 19.03 22.58 13.11
N CYS B 225 19.64 23.65 13.58
CA CYS B 225 20.49 23.59 14.76
C CYS B 225 19.80 24.25 15.95
N THR B 226 20.02 23.73 17.13
CA THR B 226 19.43 24.32 18.29
C THR B 226 20.26 25.53 18.56
N LYS B 229 19.30 29.05 13.67
CA LYS B 229 19.65 28.99 12.27
C LYS B 229 19.69 27.56 11.73
N GLN B 230 19.91 27.41 10.43
CA GLN B 230 20.03 26.10 9.84
C GLN B 230 21.48 25.72 9.85
N ALA B 231 21.85 24.47 10.15
CA ALA B 231 23.27 24.21 9.98
C ALA B 231 23.47 23.42 8.69
N THR B 232 24.73 23.25 8.29
CA THR B 232 25.05 22.42 7.14
C THR B 232 25.79 21.18 7.64
N LYS B 233 25.23 20.03 7.30
CA LYS B 233 25.79 18.73 7.63
C LYS B 233 26.34 18.09 6.37
N TYR B 234 27.59 17.62 6.42
CA TYR B 234 28.10 16.94 5.24
C TYR B 234 28.95 15.73 5.64
N LEU B 235 29.09 14.84 4.67
CA LEU B 235 29.82 13.60 4.88
C LEU B 235 31.31 13.85 4.72
N VAL B 236 32.07 13.56 5.78
CA VAL B 236 33.53 13.71 5.79
C VAL B 236 34.21 12.43 5.32
N GLN B 237 33.76 11.30 5.84
CA GLN B 237 34.38 10.01 5.54
C GLN B 237 33.31 8.92 5.61
N GLN B 238 33.36 7.98 4.67
CA GLN B 238 32.49 6.82 4.66
C GLN B 238 33.31 5.57 4.37
N GLU B 239 33.24 4.58 5.26
CA GLU B 239 33.90 3.30 5.09
C GLU B 239 32.82 2.23 5.27
N SER B 240 32.27 1.74 4.16
CA SER B 240 31.25 0.70 4.17
C SER B 240 31.12 0.16 2.75
N PRO B 241 30.52 -1.02 2.58
CA PRO B 241 30.33 -1.56 1.23
C PRO B 241 29.14 -0.98 0.48
N PHE B 242 28.26 -0.28 1.17
CA PHE B 242 27.10 0.37 0.58
C PHE B 242 26.63 1.46 1.55
N VAL B 243 25.71 2.28 1.07
CA VAL B 243 24.98 3.22 1.91
C VAL B 243 23.51 3.21 1.47
N MET B 244 22.62 3.38 2.42
CA MET B 244 21.22 3.41 2.12
C MET B 244 20.72 4.81 2.45
N MET B 245 20.26 5.57 1.44
CA MET B 245 19.72 6.91 1.66
C MET B 245 18.21 6.84 1.53
N SER B 246 17.51 7.33 2.55
CA SER B 246 16.04 7.26 2.56
C SER B 246 15.44 8.63 2.80
N ALA B 247 14.16 8.75 2.41
CA ALA B 247 13.38 9.95 2.69
C ALA B 247 11.92 9.62 2.47
N PRO B 248 11.02 10.37 3.08
CA PRO B 248 9.60 10.18 2.75
C PRO B 248 9.40 10.28 1.25
N PRO B 249 8.53 9.43 0.68
CA PRO B 249 8.42 9.35 -0.77
C PRO B 249 8.26 10.72 -1.41
N ALA B 250 8.97 10.93 -2.52
CA ALA B 250 8.90 12.18 -3.26
C ALA B 250 9.37 11.95 -4.69
N GLN B 251 8.90 12.80 -5.59
CA GLN B 251 9.25 12.66 -7.00
C GLN B 251 10.75 12.86 -7.14
N TYR B 252 11.39 11.96 -7.89
CA TYR B 252 12.86 11.86 -7.95
C TYR B 252 13.28 11.37 -9.33
N GLU B 253 14.39 11.93 -9.83
CA GLU B 253 14.95 11.53 -11.12
C GLU B 253 16.14 10.62 -10.85
N LEU B 254 16.08 9.39 -11.34
CA LEU B 254 17.20 8.44 -11.22
C LEU B 254 17.93 8.33 -12.55
N LYS B 255 19.26 8.44 -12.51
CA LYS B 255 20.05 8.46 -13.74
C LYS B 255 20.95 7.23 -13.79
N HIS B 256 20.99 6.59 -14.96
CA HIS B 256 21.81 5.40 -15.20
C HIS B 256 23.25 5.62 -14.77
N GLY B 257 23.73 4.66 -14.00
CA GLY B 257 25.11 4.64 -13.52
C GLY B 257 25.41 5.49 -12.32
N THR B 258 24.41 6.13 -11.69
CA THR B 258 24.67 7.00 -10.56
C THR B 258 24.17 6.42 -9.23
N PHE B 259 23.66 5.21 -9.26
CA PHE B 259 23.13 4.52 -8.08
C PHE B 259 23.13 3.04 -8.41
N THR B 260 22.94 2.22 -7.39
CA THR B 260 22.80 0.79 -7.59
C THR B 260 21.34 0.37 -7.75
N CYS B 261 20.51 0.66 -6.76
CA CYS B 261 19.10 0.31 -6.90
C CYS B 261 18.31 1.21 -5.97
N ALA B 262 16.97 1.15 -6.11
CA ALA B 262 16.13 2.11 -5.42
C ALA B 262 14.75 1.52 -5.20
N SER B 263 14.08 2.07 -4.19
CA SER B 263 12.70 1.70 -3.83
C SER B 263 11.75 2.80 -4.30
N GLU B 264 10.91 2.47 -5.25
CA GLU B 264 9.76 3.30 -5.63
C GLU B 264 8.59 2.92 -4.72
N TYR B 265 7.86 3.93 -4.27
CA TYR B 265 6.68 3.70 -3.44
C TYR B 265 5.57 4.62 -3.90
N THR B 266 4.43 4.03 -4.22
CA THR B 266 3.25 4.79 -4.60
C THR B 266 2.16 4.51 -3.59
N GLY B 267 1.36 5.52 -3.27
CA GLY B 267 0.21 5.32 -2.40
C GLY B 267 0.36 6.03 -1.07
N ASN B 268 -0.54 5.69 -0.17
CA ASN B 268 -0.57 6.32 1.13
C ASN B 268 0.33 5.55 2.10
N TYR B 269 0.71 6.24 3.15
CA TYR B 269 1.45 5.62 4.23
C TYR B 269 0.83 4.30 4.66
N GLN B 270 1.63 3.25 4.68
CA GLN B 270 1.28 1.95 5.19
C GLN B 270 0.30 1.18 4.31
N CYS B 271 -0.09 1.70 3.18
CA CYS B 271 -1.03 0.91 2.42
C CYS B 271 -0.76 0.86 0.99
N GLY B 272 0.47 1.27 0.44
CA GLY B 272 0.80 1.47 -0.95
C GLY B 272 1.50 0.28 -1.61
N HIS B 273 2.36 0.58 -2.56
CA HIS B 273 2.96 -0.45 -3.39
C HIS B 273 4.40 -0.07 -3.68
N TYR B 274 5.30 -0.99 -3.41
CA TYR B 274 6.70 -0.84 -3.79
C TYR B 274 7.00 -1.45 -5.14
N LYS B 275 7.92 -0.80 -5.88
CA LYS B 275 8.57 -1.33 -7.06
C LYS B 275 10.07 -1.13 -6.85
N HIS B 276 10.87 -1.86 -7.61
CA HIS B 276 12.33 -1.87 -7.45
C HIS B 276 12.95 -1.37 -8.74
N ILE B 277 13.79 -0.35 -8.64
CA ILE B 277 14.48 0.21 -9.79
C ILE B 277 15.95 -0.19 -9.67
N THR B 278 16.52 -0.77 -10.73
CA THR B 278 17.96 -1.07 -10.73
C THR B 278 18.64 -0.53 -11.98
N SER B 279 19.92 -0.17 -11.81
CA SER B 279 20.75 0.38 -12.86
C SER B 279 21.75 -0.70 -13.26
N LYS B 280 21.70 -1.15 -14.51
CA LYS B 280 22.60 -2.15 -15.06
C LYS B 280 23.13 -1.49 -16.32
N GLU B 281 22.84 -2.06 -17.51
CA GLU B 281 23.16 -1.36 -18.74
C GLU B 281 22.17 -0.26 -19.06
N THR B 282 20.95 -0.34 -18.49
CA THR B 282 19.94 0.70 -18.55
C THR B 282 19.15 0.58 -17.25
N LEU B 283 18.08 1.34 -17.12
CA LEU B 283 17.24 1.28 -15.93
C LEU B 283 16.12 0.26 -16.08
N TYR B 284 16.02 -0.67 -15.13
CA TYR B 284 15.01 -1.71 -15.07
C TYR B 284 14.08 -1.42 -13.91
N CYS B 285 12.79 -1.59 -14.12
CA CYS B 285 11.81 -1.49 -13.04
C CYS B 285 11.24 -2.90 -12.87
N ILE B 286 11.62 -3.54 -11.77
CA ILE B 286 11.17 -4.87 -11.42
C ILE B 286 10.00 -4.73 -10.46
N ASP B 287 8.85 -5.23 -10.88
CA ASP B 287 7.59 -5.03 -10.17
C ASP B 287 7.07 -6.44 -9.93
N GLY B 288 7.64 -7.10 -8.91
CA GLY B 288 7.33 -8.49 -8.66
C GLY B 288 7.74 -9.36 -9.84
N ALA B 289 6.77 -9.95 -10.52
CA ALA B 289 7.01 -10.77 -11.71
C ALA B 289 7.16 -9.94 -12.98
N LEU B 290 6.89 -8.64 -12.93
CA LEU B 290 6.83 -7.80 -14.12
C LEU B 290 8.11 -7.00 -14.32
N LEU B 291 8.51 -6.82 -15.58
CA LEU B 291 9.72 -6.07 -15.90
C LEU B 291 9.47 -5.02 -16.98
N THR B 292 9.90 -3.78 -16.73
CA THR B 292 10.00 -2.75 -17.75
C THR B 292 11.35 -2.05 -17.71
N LYS B 293 11.76 -1.53 -18.86
CA LYS B 293 13.05 -0.87 -19.02
C LYS B 293 12.86 0.51 -19.61
N SER B 294 13.75 1.42 -19.23
CA SER B 294 13.69 2.79 -19.72
C SER B 294 15.05 3.45 -19.58
N SER B 295 15.29 4.44 -20.43
CA SER B 295 16.56 5.17 -20.41
C SER B 295 16.63 6.17 -19.26
N GLU B 296 15.49 6.73 -18.87
CA GLU B 296 15.40 7.78 -17.87
C GLU B 296 14.30 7.36 -16.90
N TYR B 297 14.27 8.00 -15.73
CA TYR B 297 13.28 7.64 -14.72
C TYR B 297 12.98 8.88 -13.89
N LYS B 298 11.68 9.19 -13.76
CA LYS B 298 11.17 10.19 -12.83
C LYS B 298 9.99 9.54 -12.13
N GLY B 299 10.01 9.50 -10.79
CA GLY B 299 8.97 8.84 -10.00
C GLY B 299 9.18 8.98 -8.50
N PRO B 300 8.20 8.48 -7.72
CA PRO B 300 8.23 8.63 -6.25
C PRO B 300 9.15 7.59 -5.61
N ILE B 301 10.30 8.06 -5.15
CA ILE B 301 11.35 7.21 -4.60
C ILE B 301 11.44 7.47 -3.09
N THR B 302 11.72 6.40 -2.32
CA THR B 302 11.87 6.53 -0.88
C THR B 302 13.17 5.92 -0.31
N ASP B 303 13.87 5.05 -1.06
CA ASP B 303 15.22 4.57 -0.71
C ASP B 303 16.07 4.54 -1.96
N VAL B 304 17.34 4.93 -1.83
CA VAL B 304 18.33 4.71 -2.87
C VAL B 304 19.56 4.06 -2.24
N PHE B 305 20.06 3.03 -2.88
CA PHE B 305 21.26 2.32 -2.46
C PHE B 305 22.42 2.64 -3.39
N TYR B 306 23.58 2.85 -2.79
CA TYR B 306 24.80 3.15 -3.51
C TYR B 306 25.90 2.27 -2.99
N LYS B 307 26.63 1.64 -3.89
CA LYS B 307 27.83 0.92 -3.47
C LYS B 307 28.91 1.89 -3.02
N GLU B 308 29.80 1.41 -2.16
CA GLU B 308 30.86 2.22 -1.58
C GLU B 308 32.02 1.30 -1.22
N ASN B 309 33.16 1.91 -0.94
CA ASN B 309 34.19 1.21 -0.20
C ASN B 309 34.83 2.15 0.80
N SER B 310 35.51 3.18 0.30
CA SER B 310 36.08 4.20 1.16
C SER B 310 35.96 5.56 0.48
N TYR B 311 35.28 6.49 1.14
CA TYR B 311 35.13 7.84 0.66
C TYR B 311 35.73 8.82 1.65
N THR B 312 36.49 9.80 1.13
CA THR B 312 37.02 10.88 1.95
C THR B 312 36.74 12.19 1.22
N THR B 313 36.17 13.16 1.93
CA THR B 313 35.78 14.43 1.34
C THR B 313 37.01 15.22 0.87
N THR B 314 36.77 16.10 -0.10
CA THR B 314 37.74 17.12 -0.49
C THR B 314 37.36 18.50 0.05
N ILE B 315 36.24 18.61 0.76
CA ILE B 315 35.86 19.87 1.41
C ILE B 315 36.88 20.19 2.51
#